data_1QJC
#
_entry.id   1QJC
#
_cell.length_a   135.331
_cell.length_b   135.331
_cell.length_c   135.331
_cell.angle_alpha   90.00
_cell.angle_beta   90.00
_cell.angle_gamma   90.00
#
_symmetry.space_group_name_H-M   'I 2 3'
#
loop_
_entity.id
_entity.type
_entity.pdbx_description
1 polymer 'PHOSPHOPANTETHEINE ADENYLYLTRANSFERASE'
2 non-polymer 'SULFATE ION'
3 non-polymer "4'-PHOSPHOPANTETHEINE"
4 water water
#
_entity_poly.entity_id   1
_entity_poly.type   'polypeptide(L)'
_entity_poly.pdbx_seq_one_letter_code
;QKRAIYPGTFDPITNGHIDIVTRATQMFDHVILAIAASPSKKPMFTLEERVALAQQATAHLGNVEVVGFSDLMANFARNQ
HATVLIRGLRAVADFEYEMQLAHMNRHLMPELESVFLMPSKEWSFISSSLVKEVARHQGDVTHFLPENVHQALMAKLA
;
_entity_poly.pdbx_strand_id   A,B
#
loop_
_chem_comp.id
_chem_comp.type
_chem_comp.name
_chem_comp.formula
PNS non-polymer 4'-PHOSPHOPANTETHEINE 'C11 H23 N2 O7 P S'
SO4 non-polymer 'SULFATE ION' 'O4 S -2'
#
# COMPACT_ATOMS: atom_id res chain seq x y z
N LYS A 2 -9.76 11.30 -8.60
CA LYS A 2 -8.67 10.30 -8.33
C LYS A 2 -8.79 9.07 -9.23
N ARG A 3 -7.91 8.97 -10.21
CA ARG A 3 -7.91 7.84 -11.13
C ARG A 3 -6.75 6.90 -10.77
N ALA A 4 -7.08 5.65 -10.49
CA ALA A 4 -6.08 4.66 -10.14
C ALA A 4 -5.99 3.59 -11.21
N ILE A 5 -4.80 3.02 -11.37
CA ILE A 5 -4.60 1.97 -12.36
C ILE A 5 -4.10 0.73 -11.63
N TYR A 6 -4.67 -0.41 -12.02
CA TYR A 6 -4.31 -1.70 -11.42
C TYR A 6 -3.87 -2.58 -12.59
N PRO A 7 -2.59 -2.53 -12.93
CA PRO A 7 -2.01 -3.30 -14.03
C PRO A 7 -1.60 -4.73 -13.70
N GLY A 8 -1.56 -5.57 -14.74
CA GLY A 8 -1.16 -6.95 -14.57
C GLY A 8 -1.44 -7.74 -15.83
N THR A 9 -1.04 -9.02 -15.84
CA THR A 9 -1.27 -9.87 -16.99
C THR A 9 -2.64 -10.53 -16.87
N PHE A 10 -3.09 -10.72 -15.64
CA PHE A 10 -4.40 -11.33 -15.36
C PHE A 10 -4.63 -12.49 -16.32
N ASP A 11 -3.76 -13.49 -16.25
CA ASP A 11 -3.83 -14.65 -17.13
C ASP A 11 -3.97 -15.98 -16.37
N PRO A 12 -5.19 -16.28 -15.88
CA PRO A 12 -6.41 -15.48 -16.00
C PRO A 12 -6.65 -14.70 -14.69
N ILE A 13 -7.71 -13.91 -14.67
CA ILE A 13 -8.03 -13.14 -13.48
C ILE A 13 -8.53 -14.10 -12.39
N THR A 14 -8.07 -13.89 -11.17
CA THR A 14 -8.44 -14.76 -10.05
C THR A 14 -9.26 -14.02 -9.00
N ASN A 15 -9.70 -14.76 -7.98
CA ASN A 15 -10.47 -14.18 -6.88
C ASN A 15 -9.57 -13.24 -6.08
N GLY A 16 -8.27 -13.47 -6.14
CA GLY A 16 -7.33 -12.61 -5.44
C GLY A 16 -7.33 -11.25 -6.12
N HIS A 17 -7.37 -11.25 -7.45
CA HIS A 17 -7.40 -10.03 -8.23
C HIS A 17 -8.69 -9.28 -7.98
N ILE A 18 -9.80 -10.02 -7.93
CA ILE A 18 -11.10 -9.42 -7.67
C ILE A 18 -11.11 -8.79 -6.29
N ASP A 19 -10.50 -9.47 -5.33
CA ASP A 19 -10.42 -8.98 -3.97
C ASP A 19 -9.71 -7.63 -3.94
N ILE A 20 -8.54 -7.58 -4.58
CA ILE A 20 -7.75 -6.36 -4.62
C ILE A 20 -8.45 -5.21 -5.35
N VAL A 21 -8.99 -5.46 -6.54
CA VAL A 21 -9.64 -4.41 -7.29
C VAL A 21 -10.89 -3.89 -6.58
N THR A 22 -11.57 -4.78 -5.84
CA THR A 22 -12.76 -4.38 -5.12
C THR A 22 -12.36 -3.43 -3.99
N ARG A 23 -11.29 -3.76 -3.28
CA ARG A 23 -10.83 -2.91 -2.19
C ARG A 23 -10.41 -1.55 -2.74
N ALA A 24 -9.84 -1.54 -3.94
CA ALA A 24 -9.40 -0.31 -4.57
C ALA A 24 -10.57 0.61 -4.93
N THR A 25 -11.65 0.02 -5.45
CA THR A 25 -12.82 0.79 -5.85
C THR A 25 -13.49 1.49 -4.67
N GLN A 26 -13.18 1.04 -3.46
CA GLN A 26 -13.76 1.62 -2.26
C GLN A 26 -12.96 2.82 -1.76
N MET A 27 -11.75 3.00 -2.30
CA MET A 27 -10.88 4.10 -1.91
C MET A 27 -10.76 5.17 -2.99
N PHE A 28 -10.81 4.74 -4.25
CA PHE A 28 -10.66 5.68 -5.35
C PHE A 28 -11.87 5.74 -6.28
N ASP A 29 -12.10 6.92 -6.83
CA ASP A 29 -13.23 7.19 -7.72
C ASP A 29 -13.34 6.30 -8.95
N HIS A 30 -12.22 6.15 -9.66
CA HIS A 30 -12.21 5.32 -10.86
C HIS A 30 -10.98 4.43 -10.86
N VAL A 31 -11.18 3.16 -11.17
CA VAL A 31 -10.08 2.20 -11.22
C VAL A 31 -9.98 1.55 -12.59
N ILE A 32 -8.81 1.68 -13.21
CA ILE A 32 -8.57 1.09 -14.50
C ILE A 32 -7.85 -0.23 -14.29
N LEU A 33 -8.53 -1.34 -14.59
CA LEU A 33 -7.90 -2.64 -14.46
C LEU A 33 -7.20 -2.81 -15.81
N ALA A 34 -5.91 -2.53 -15.83
CA ALA A 34 -5.12 -2.60 -17.05
C ALA A 34 -4.50 -3.95 -17.32
N ILE A 35 -4.86 -4.56 -18.44
CA ILE A 35 -4.34 -5.87 -18.82
C ILE A 35 -3.25 -5.75 -19.88
N ALA A 36 -2.05 -6.20 -19.47
CA ALA A 36 -0.83 -6.23 -20.26
C ALA A 36 -1.10 -6.95 -21.58
N ALA A 37 -0.85 -6.28 -22.69
CA ALA A 37 -1.19 -6.89 -23.95
C ALA A 37 -0.10 -7.72 -24.58
N SER A 38 1.16 -7.39 -24.24
CA SER A 38 2.28 -8.09 -24.81
C SER A 38 3.35 -8.52 -23.84
N PRO A 39 2.96 -9.59 -23.18
CA PRO A 39 3.86 -10.34 -22.29
C PRO A 39 5.05 -10.91 -23.02
N SER A 40 5.94 -11.61 -22.32
CA SER A 40 7.09 -12.26 -22.97
C SER A 40 6.81 -13.75 -22.94
N LYS A 41 6.20 -14.09 -21.85
CA LYS A 41 5.73 -15.43 -21.68
C LYS A 41 4.48 -15.51 -22.50
N LYS A 42 4.30 -16.46 -23.38
CA LYS A 42 3.01 -16.42 -24.04
C LYS A 42 1.88 -16.86 -23.08
N PRO A 43 0.84 -16.00 -22.99
CA PRO A 43 -0.30 -16.29 -22.12
C PRO A 43 -1.01 -17.60 -22.31
N MET A 44 -1.65 -18.07 -21.29
CA MET A 44 -2.57 -19.17 -21.55
C MET A 44 -3.76 -18.65 -22.35
N PHE A 45 -4.31 -17.53 -21.91
CA PHE A 45 -5.44 -16.91 -22.59
C PHE A 45 -4.91 -15.72 -23.38
N THR A 46 -5.55 -15.40 -24.49
CA THR A 46 -5.12 -14.27 -25.30
C THR A 46 -5.57 -12.98 -24.63
N LEU A 47 -4.97 -11.86 -25.04
CA LEU A 47 -5.33 -10.56 -24.47
C LEU A 47 -6.84 -10.37 -24.55
N GLU A 48 -7.39 -10.61 -25.72
CA GLU A 48 -8.82 -10.45 -25.94
C GLU A 48 -9.64 -11.32 -24.98
N GLU A 49 -9.16 -12.54 -24.73
CA GLU A 49 -9.86 -13.45 -23.81
C GLU A 49 -9.75 -12.93 -22.38
N ARG A 50 -8.54 -12.53 -22.00
CA ARG A 50 -8.29 -12.03 -20.66
C ARG A 50 -9.14 -10.79 -20.37
N VAL A 51 -9.32 -9.93 -21.37
CA VAL A 51 -10.12 -8.72 -21.21
C VAL A 51 -11.59 -9.09 -21.05
N ALA A 52 -12.04 -10.08 -21.83
CA ALA A 52 -13.43 -10.51 -21.76
C ALA A 52 -13.72 -11.13 -20.39
N LEU A 53 -12.81 -11.97 -19.92
CA LEU A 53 -12.98 -12.62 -18.62
C LEU A 53 -13.01 -11.61 -17.49
N ALA A 54 -12.07 -10.66 -17.53
CA ALA A 54 -11.96 -9.62 -16.51
C ALA A 54 -13.19 -8.72 -16.52
N GLN A 55 -13.68 -8.38 -17.70
CA GLN A 55 -14.86 -7.53 -17.83
C GLN A 55 -16.07 -8.19 -17.19
N GLN A 56 -16.23 -9.48 -17.46
CA GLN A 56 -17.36 -10.23 -16.92
C GLN A 56 -17.24 -10.34 -15.39
N ALA A 57 -16.05 -10.72 -14.93
CA ALA A 57 -15.80 -10.87 -13.50
C ALA A 57 -15.95 -9.59 -12.68
N THR A 58 -15.79 -8.44 -13.33
CA THR A 58 -15.91 -7.16 -12.62
C THR A 58 -17.12 -6.36 -13.09
N ALA A 59 -18.02 -7.02 -13.81
CA ALA A 59 -19.22 -6.37 -14.32
C ALA A 59 -20.01 -5.66 -13.23
N HIS A 60 -20.01 -6.22 -12.03
CA HIS A 60 -20.75 -5.66 -10.91
C HIS A 60 -20.08 -4.42 -10.30
N LEU A 61 -18.80 -4.23 -10.60
CA LEU A 61 -18.06 -3.09 -10.07
C LEU A 61 -18.21 -1.89 -11.01
N GLY A 62 -19.07 -0.96 -10.62
CA GLY A 62 -19.34 0.20 -11.44
C GLY A 62 -18.20 1.13 -11.80
N ASN A 63 -17.31 1.42 -10.85
CA ASN A 63 -16.21 2.33 -11.13
C ASN A 63 -14.93 1.63 -11.60
N VAL A 64 -15.09 0.43 -12.16
CA VAL A 64 -13.95 -0.32 -12.67
C VAL A 64 -14.02 -0.35 -14.20
N GLU A 65 -12.88 -0.06 -14.83
CA GLU A 65 -12.80 -0.06 -16.28
C GLU A 65 -11.69 -1.01 -16.70
N VAL A 66 -12.03 -2.05 -17.46
CA VAL A 66 -11.03 -3.01 -17.92
C VAL A 66 -10.51 -2.57 -19.28
N VAL A 67 -9.20 -2.38 -19.38
CA VAL A 67 -8.59 -1.93 -20.63
C VAL A 67 -7.27 -2.63 -20.89
N GLY A 68 -7.04 -3.02 -22.14
CA GLY A 68 -5.81 -3.67 -22.49
C GLY A 68 -4.80 -2.63 -22.92
N PHE A 69 -3.52 -2.91 -22.74
CA PHE A 69 -2.48 -1.98 -23.15
C PHE A 69 -1.20 -2.72 -23.52
N SER A 70 -0.40 -2.10 -24.36
CA SER A 70 0.87 -2.67 -24.79
C SER A 70 2.00 -1.75 -24.32
N ASP A 71 3.23 -2.16 -24.60
CA ASP A 71 4.42 -1.42 -24.20
C ASP A 71 4.48 -1.11 -22.69
N LEU A 72 5.10 0.00 -22.33
CA LEU A 72 5.27 0.41 -20.93
C LEU A 72 4.00 0.80 -20.18
N MET A 73 3.80 0.16 -19.03
CA MET A 73 2.64 0.41 -18.19
C MET A 73 2.60 1.88 -17.77
N ALA A 74 3.76 2.42 -17.39
CA ALA A 74 3.85 3.82 -16.96
C ALA A 74 3.41 4.79 -18.05
N ASN A 75 3.77 4.49 -19.30
CA ASN A 75 3.38 5.35 -20.42
C ASN A 75 1.87 5.31 -20.58
N PHE A 76 1.28 4.13 -20.37
CA PHE A 76 -0.17 3.98 -20.49
C PHE A 76 -0.85 4.74 -19.35
N ALA A 77 -0.32 4.55 -18.14
CA ALA A 77 -0.88 5.22 -16.97
C ALA A 77 -0.86 6.74 -17.18
N ARG A 78 0.24 7.24 -17.73
CA ARG A 78 0.36 8.67 -17.97
C ARG A 78 -0.73 9.14 -18.93
N ASN A 79 -0.86 8.46 -20.07
CA ASN A 79 -1.87 8.83 -21.05
C ASN A 79 -3.30 8.68 -20.50
N GLN A 80 -3.47 7.79 -19.53
CA GLN A 80 -4.79 7.58 -18.93
C GLN A 80 -4.99 8.53 -17.76
N HIS A 81 -3.96 9.34 -17.49
CA HIS A 81 -4.00 10.31 -16.40
C HIS A 81 -4.27 9.68 -15.03
N ALA A 82 -3.58 8.58 -14.76
CA ALA A 82 -3.71 7.90 -13.48
C ALA A 82 -2.65 8.48 -12.55
N THR A 83 -2.98 8.60 -11.27
CA THR A 83 -2.04 9.14 -10.29
C THR A 83 -1.81 8.15 -9.16
N VAL A 84 -2.52 7.02 -9.21
CA VAL A 84 -2.38 5.97 -8.21
C VAL A 84 -2.15 4.64 -8.90
N LEU A 85 -1.11 3.93 -8.48
CA LEU A 85 -0.76 2.64 -9.05
C LEU A 85 -1.02 1.56 -8.01
N ILE A 86 -2.06 0.76 -8.24
CA ILE A 86 -2.44 -0.31 -7.33
C ILE A 86 -1.61 -1.58 -7.48
N ARG A 87 -1.03 -2.03 -6.38
CA ARG A 87 -0.24 -3.26 -6.35
C ARG A 87 -0.74 -4.15 -5.22
N GLY A 88 -1.04 -5.40 -5.53
CA GLY A 88 -1.50 -6.31 -4.49
C GLY A 88 -0.29 -6.97 -3.83
N LEU A 89 -0.28 -7.03 -2.51
CA LEU A 89 0.83 -7.64 -1.77
C LEU A 89 0.38 -8.88 -1.03
N ARG A 90 0.61 -10.05 -1.62
CA ARG A 90 0.23 -11.31 -0.98
C ARG A 90 1.29 -11.65 0.06
N ALA A 91 0.94 -12.55 0.98
CA ALA A 91 1.87 -12.97 2.01
C ALA A 91 3.07 -13.64 1.35
N VAL A 92 2.82 -14.29 0.22
CA VAL A 92 3.86 -14.99 -0.53
C VAL A 92 4.41 -14.13 -1.66
N ALA A 93 4.30 -12.82 -1.52
CA ALA A 93 4.78 -11.89 -2.54
C ALA A 93 6.30 -11.76 -2.52
N ASP A 94 6.86 -11.41 -3.68
CA ASP A 94 8.30 -11.21 -3.81
C ASP A 94 8.50 -9.73 -3.49
N PHE A 95 8.62 -9.42 -2.21
CA PHE A 95 8.77 -8.04 -1.75
C PHE A 95 9.90 -7.27 -2.41
N GLU A 96 11.07 -7.87 -2.51
CA GLU A 96 12.21 -7.20 -3.12
C GLU A 96 11.87 -6.80 -4.55
N TYR A 97 11.22 -7.70 -5.28
CA TYR A 97 10.85 -7.41 -6.66
C TYR A 97 9.85 -6.26 -6.72
N GLU A 98 8.89 -6.26 -5.80
CA GLU A 98 7.88 -5.21 -5.75
C GLU A 98 8.56 -3.86 -5.51
N MET A 99 9.65 -3.86 -4.74
CA MET A 99 10.38 -2.63 -4.46
C MET A 99 11.10 -2.14 -5.72
N GLN A 100 11.65 -3.06 -6.49
CA GLN A 100 12.34 -2.67 -7.72
C GLN A 100 11.34 -2.02 -8.65
N LEU A 101 10.21 -2.71 -8.83
CA LEU A 101 9.15 -2.25 -9.69
C LEU A 101 8.61 -0.88 -9.29
N ALA A 102 8.33 -0.70 -8.01
CA ALA A 102 7.81 0.57 -7.51
C ALA A 102 8.79 1.72 -7.73
N HIS A 103 10.08 1.45 -7.47
CA HIS A 103 11.08 2.49 -7.67
C HIS A 103 11.31 2.79 -9.14
N MET A 104 11.29 1.76 -9.98
CA MET A 104 11.48 1.99 -11.41
C MET A 104 10.30 2.81 -11.93
N ASN A 105 9.09 2.43 -11.53
CA ASN A 105 7.91 3.17 -11.98
C ASN A 105 7.88 4.60 -11.47
N ARG A 106 8.47 4.83 -10.29
CA ARG A 106 8.51 6.17 -9.73
C ARG A 106 9.50 7.01 -10.55
N HIS A 107 10.56 6.37 -11.01
CA HIS A 107 11.56 7.04 -11.84
C HIS A 107 10.93 7.45 -13.17
N LEU A 108 10.16 6.53 -13.76
CA LEU A 108 9.49 6.75 -15.03
C LEU A 108 8.37 7.78 -14.95
N MET A 109 7.59 7.70 -13.87
CA MET A 109 6.46 8.61 -13.69
C MET A 109 6.26 8.94 -12.21
N PRO A 110 6.94 9.99 -11.73
CA PRO A 110 6.85 10.44 -10.33
C PRO A 110 5.45 10.76 -9.86
N GLU A 111 4.61 11.26 -10.77
CA GLU A 111 3.25 11.61 -10.41
C GLU A 111 2.33 10.41 -10.22
N LEU A 112 2.87 9.21 -10.41
CA LEU A 112 2.08 7.99 -10.23
C LEU A 112 2.56 7.38 -8.91
N GLU A 113 1.70 7.43 -7.90
CA GLU A 113 2.05 6.91 -6.58
C GLU A 113 1.66 5.45 -6.37
N SER A 114 2.65 4.62 -6.07
CA SER A 114 2.40 3.21 -5.83
C SER A 114 1.76 2.99 -4.47
N VAL A 115 0.65 2.25 -4.45
CA VAL A 115 -0.03 1.94 -3.19
C VAL A 115 -0.21 0.43 -3.16
N PHE A 116 0.17 -0.19 -2.05
CA PHE A 116 0.06 -1.62 -1.89
C PHE A 116 -1.13 -1.98 -1.03
N LEU A 117 -1.96 -2.89 -1.53
CA LEU A 117 -3.14 -3.35 -0.82
C LEU A 117 -2.93 -4.80 -0.43
N MET A 118 -3.61 -5.23 0.61
CA MET A 118 -3.50 -6.61 1.09
C MET A 118 -4.77 -7.40 0.88
N PRO A 119 -4.68 -8.55 0.17
CA PRO A 119 -5.87 -9.36 -0.06
C PRO A 119 -6.29 -10.08 1.23
N SER A 120 -7.44 -10.73 1.18
CA SER A 120 -7.94 -11.48 2.33
C SER A 120 -6.97 -12.64 2.56
N LYS A 121 -6.94 -13.17 3.78
CA LYS A 121 -6.07 -14.29 4.08
C LYS A 121 -6.37 -15.43 3.11
N GLU A 122 -7.61 -15.49 2.67
CA GLU A 122 -8.06 -16.54 1.76
C GLU A 122 -7.26 -16.61 0.46
N TRP A 123 -6.84 -15.45 -0.05
CA TRP A 123 -6.10 -15.40 -1.31
C TRP A 123 -4.64 -14.95 -1.14
N SER A 124 -4.17 -14.90 0.10
CA SER A 124 -2.80 -14.46 0.38
C SER A 124 -1.67 -15.42 0.05
N PHE A 125 -2.01 -16.67 -0.30
CA PHE A 125 -0.95 -17.65 -0.59
C PHE A 125 -1.04 -18.27 -1.97
N ILE A 126 -1.84 -17.70 -2.86
CA ILE A 126 -1.99 -18.24 -4.20
C ILE A 126 -1.63 -17.25 -5.30
N SER A 127 -1.11 -17.77 -6.40
CA SER A 127 -0.73 -16.94 -7.54
C SER A 127 -1.29 -17.55 -8.82
N SER A 128 -1.51 -16.72 -9.82
CA SER A 128 -2.05 -17.17 -11.10
C SER A 128 -1.12 -18.23 -11.70
N SER A 129 0.17 -18.05 -11.48
CA SER A 129 1.17 -18.97 -11.98
C SER A 129 0.90 -20.38 -11.46
N LEU A 130 0.75 -20.50 -10.15
CA LEU A 130 0.50 -21.81 -9.55
C LEU A 130 -0.86 -22.36 -9.93
N VAL A 131 -1.87 -21.49 -10.00
CA VAL A 131 -3.21 -21.93 -10.37
C VAL A 131 -3.19 -22.59 -11.75
N LYS A 132 -2.54 -21.95 -12.72
CA LYS A 132 -2.45 -22.50 -14.07
C LYS A 132 -1.72 -23.84 -14.05
N GLU A 133 -0.58 -23.87 -13.38
CA GLU A 133 0.23 -25.08 -13.28
C GLU A 133 -0.63 -26.24 -12.77
N VAL A 134 -1.32 -26.00 -11.65
CA VAL A 134 -2.18 -27.02 -11.04
C VAL A 134 -3.29 -27.46 -11.98
N ALA A 135 -4.00 -26.50 -12.56
CA ALA A 135 -5.09 -26.81 -13.47
C ALA A 135 -4.58 -27.61 -14.66
N ARG A 136 -3.45 -27.19 -15.22
CA ARG A 136 -2.86 -27.87 -16.36
C ARG A 136 -2.45 -29.31 -16.04
N HIS A 137 -2.24 -29.59 -14.75
CA HIS A 137 -1.84 -30.93 -14.33
C HIS A 137 -2.95 -31.73 -13.66
N GLN A 138 -4.19 -31.39 -14.00
CA GLN A 138 -5.38 -32.09 -13.49
C GLN A 138 -5.70 -31.87 -12.01
N GLY A 139 -5.50 -30.63 -11.56
CA GLY A 139 -5.80 -30.28 -10.18
C GLY A 139 -7.01 -29.37 -10.15
N ASP A 140 -7.75 -29.39 -9.05
CA ASP A 140 -8.96 -28.57 -8.89
C ASP A 140 -8.63 -27.16 -8.37
N VAL A 141 -8.91 -26.15 -9.18
CA VAL A 141 -8.64 -24.77 -8.78
C VAL A 141 -9.91 -23.92 -8.83
N THR A 142 -11.05 -24.59 -8.84
CA THR A 142 -12.35 -23.92 -8.89
C THR A 142 -12.49 -22.83 -7.82
N HIS A 143 -12.03 -23.14 -6.62
CA HIS A 143 -12.09 -22.24 -5.48
C HIS A 143 -11.42 -20.88 -5.67
N PHE A 144 -10.40 -20.84 -6.51
CA PHE A 144 -9.66 -19.61 -6.73
C PHE A 144 -10.11 -18.72 -7.88
N LEU A 145 -11.09 -19.18 -8.66
CA LEU A 145 -11.52 -18.41 -9.83
C LEU A 145 -13.00 -18.05 -9.89
N PRO A 146 -13.31 -16.93 -10.58
CA PRO A 146 -14.72 -16.52 -10.72
C PRO A 146 -15.35 -17.62 -11.58
N GLU A 147 -16.64 -17.85 -11.44
CA GLU A 147 -17.29 -18.89 -12.23
C GLU A 147 -17.00 -18.82 -13.72
N ASN A 148 -17.11 -17.63 -14.31
CA ASN A 148 -16.89 -17.46 -15.74
C ASN A 148 -15.46 -17.85 -16.12
N VAL A 149 -14.51 -17.55 -15.25
CA VAL A 149 -13.11 -17.87 -15.50
C VAL A 149 -12.94 -19.38 -15.41
N HIS A 150 -13.67 -19.99 -14.49
CA HIS A 150 -13.61 -21.44 -14.29
C HIS A 150 -14.05 -22.16 -15.56
N GLN A 151 -15.21 -21.75 -16.08
CA GLN A 151 -15.74 -22.36 -17.30
C GLN A 151 -14.81 -22.18 -18.49
N ALA A 152 -14.22 -21.00 -18.60
CA ALA A 152 -13.30 -20.72 -19.69
C ALA A 152 -12.02 -21.54 -19.59
N LEU A 153 -11.54 -21.77 -18.37
CA LEU A 153 -10.33 -22.54 -18.16
C LEU A 153 -10.51 -24.01 -18.53
N MET A 154 -11.68 -24.57 -18.23
CA MET A 154 -11.95 -25.96 -18.57
C MET A 154 -11.92 -26.15 -20.08
N ALA A 155 -12.56 -25.23 -20.80
CA ALA A 155 -12.60 -25.28 -22.25
C ALA A 155 -11.18 -25.13 -22.82
N LYS A 156 -10.38 -24.27 -22.19
CA LYS A 156 -9.01 -24.03 -22.62
C LYS A 156 -8.11 -25.26 -22.49
N LEU A 157 -8.26 -26.00 -21.40
CA LEU A 157 -7.47 -27.19 -21.15
C LEU A 157 -8.02 -28.45 -21.80
N ALA A 158 -9.29 -28.42 -22.20
CA ALA A 158 -9.91 -29.59 -22.83
C ALA A 158 -9.24 -29.96 -24.14
N LYS B 2 -12.42 11.17 1.60
CA LYS B 2 -11.76 10.02 2.30
C LYS B 2 -10.87 10.50 3.43
N ARG B 3 -11.03 9.91 4.60
CA ARG B 3 -10.21 10.26 5.76
C ARG B 3 -9.24 9.12 6.03
N ALA B 4 -7.95 9.42 6.04
CA ALA B 4 -6.93 8.41 6.28
C ALA B 4 -6.22 8.67 7.61
N ILE B 5 -5.78 7.59 8.25
CA ILE B 5 -5.06 7.70 9.50
C ILE B 5 -3.67 7.04 9.39
N TYR B 6 -2.65 7.81 9.66
CA TYR B 6 -1.32 7.31 9.61
C TYR B 6 -0.90 7.13 11.09
N PRO B 7 -0.99 5.90 11.62
CA PRO B 7 -0.60 5.61 13.00
C PRO B 7 0.86 5.15 13.16
N GLY B 8 1.40 5.45 14.34
CA GLY B 8 2.77 5.08 14.64
C GLY B 8 3.18 5.65 15.99
N THR B 9 4.40 5.34 16.41
CA THR B 9 4.91 5.83 17.68
C THR B 9 5.57 7.18 17.48
N PHE B 10 6.12 7.39 16.29
CA PHE B 10 6.80 8.64 15.94
C PHE B 10 7.64 9.16 17.10
N ASP B 11 8.62 8.35 17.50
CA ASP B 11 9.49 8.70 18.62
C ASP B 11 10.97 8.77 18.24
N PRO B 12 11.40 9.85 17.55
CA PRO B 12 10.60 10.99 17.08
C PRO B 12 10.22 10.82 15.61
N ILE B 13 9.39 11.72 15.14
CA ILE B 13 9.00 11.74 13.74
C ILE B 13 10.21 12.17 12.95
N THR B 14 10.49 11.41 11.93
CA THR B 14 11.65 11.70 11.11
C THR B 14 11.24 12.19 9.73
N ASN B 15 12.23 12.47 8.90
CA ASN B 15 11.97 12.91 7.54
C ASN B 15 11.31 11.78 6.76
N GLY B 16 11.52 10.55 7.22
CA GLY B 16 10.93 9.39 6.58
C GLY B 16 9.42 9.46 6.73
N HIS B 17 8.99 9.77 7.96
CA HIS B 17 7.57 9.90 8.28
C HIS B 17 6.96 11.06 7.52
N ILE B 18 7.71 12.16 7.42
CA ILE B 18 7.23 13.34 6.71
C ILE B 18 7.01 12.99 5.24
N ASP B 19 7.93 12.17 4.71
CA ASP B 19 7.84 11.72 3.32
C ASP B 19 6.55 10.94 3.11
N ILE B 20 6.30 9.97 3.97
CA ILE B 20 5.10 9.13 3.88
C ILE B 20 3.80 9.93 4.02
N VAL B 21 3.70 10.75 5.08
CA VAL B 21 2.48 11.53 5.29
C VAL B 21 2.22 12.48 4.12
N THR B 22 3.28 13.00 3.52
CA THR B 22 3.14 13.91 2.39
C THR B 22 2.52 13.19 1.20
N ARG B 23 3.00 11.99 0.92
CA ARG B 23 2.46 11.21 -0.19
C ARG B 23 1.00 10.87 0.10
N ALA B 24 0.69 10.71 1.38
CA ALA B 24 -0.67 10.39 1.81
C ALA B 24 -1.63 11.54 1.55
N THR B 25 -1.18 12.76 1.84
CA THR B 25 -2.03 13.94 1.64
C THR B 25 -2.33 14.22 0.17
N GLN B 26 -1.46 13.76 -0.72
CA GLN B 26 -1.66 13.99 -2.15
C GLN B 26 -2.65 12.97 -2.69
N MET B 27 -2.93 11.95 -1.90
CA MET B 27 -3.82 10.88 -2.29
C MET B 27 -5.20 10.93 -1.64
N PHE B 28 -5.24 11.35 -0.38
CA PHE B 28 -6.51 11.43 0.34
C PHE B 28 -6.81 12.84 0.81
N ASP B 29 -8.10 13.16 0.92
CA ASP B 29 -8.54 14.49 1.32
C ASP B 29 -8.02 14.96 2.68
N HIS B 30 -8.13 14.10 3.68
CA HIS B 30 -7.68 14.45 5.02
C HIS B 30 -6.85 13.32 5.62
N VAL B 31 -5.76 13.67 6.29
CA VAL B 31 -4.90 12.67 6.90
C VAL B 31 -4.64 12.97 8.37
N ILE B 32 -4.93 11.99 9.21
CA ILE B 32 -4.73 12.12 10.64
C ILE B 32 -3.47 11.36 11.04
N LEU B 33 -2.43 12.08 11.42
CA LEU B 33 -1.20 11.46 11.87
C LEU B 33 -1.46 11.19 13.34
N ALA B 34 -1.70 9.91 13.67
CA ALA B 34 -2.00 9.49 15.03
C ALA B 34 -0.81 8.90 15.77
N ILE B 35 -0.43 9.53 16.87
CA ILE B 35 0.70 9.09 17.66
C ILE B 35 0.22 8.26 18.85
N ALA B 36 0.61 6.99 18.88
CA ALA B 36 0.22 6.09 19.96
C ALA B 36 1.09 6.30 21.19
N ALA B 37 0.49 6.16 22.37
CA ALA B 37 1.22 6.33 23.62
C ALA B 37 2.37 5.33 23.68
N SER B 38 2.09 4.09 23.27
CA SER B 38 3.07 3.01 23.24
C SER B 38 3.97 2.95 24.47
N PRO B 39 3.37 2.84 25.67
CA PRO B 39 4.16 2.78 26.90
C PRO B 39 5.11 1.57 26.97
N SER B 40 4.70 0.43 26.43
CA SER B 40 5.53 -0.77 26.47
C SER B 40 6.85 -0.55 25.74
N LYS B 41 6.94 0.50 24.93
CA LYS B 41 8.16 0.80 24.19
C LYS B 41 9.05 1.79 24.93
N LYS B 42 8.56 2.32 26.04
CA LYS B 42 9.32 3.29 26.82
C LYS B 42 9.87 4.38 25.90
N PRO B 43 8.97 5.12 25.22
CA PRO B 43 9.35 6.19 24.30
C PRO B 43 10.30 7.23 24.92
N MET B 44 11.20 7.77 24.10
CA MET B 44 12.15 8.77 24.55
C MET B 44 11.42 10.07 24.89
N PHE B 45 10.48 10.43 24.03
CA PHE B 45 9.68 11.64 24.25
C PHE B 45 8.30 11.24 24.75
N THR B 46 7.70 12.10 25.59
CA THR B 46 6.37 11.83 26.10
C THR B 46 5.40 11.98 24.94
N LEU B 47 4.20 11.44 25.10
CA LEU B 47 3.20 11.55 24.06
C LEU B 47 2.94 13.01 23.71
N GLU B 48 2.85 13.84 24.75
CA GLU B 48 2.60 15.26 24.56
C GLU B 48 3.73 15.91 23.77
N GLU B 49 4.96 15.49 24.04
CA GLU B 49 6.13 16.03 23.33
C GLU B 49 6.14 15.59 21.88
N ARG B 50 5.87 14.30 21.66
CA ARG B 50 5.84 13.75 20.31
C ARG B 50 4.74 14.40 19.48
N VAL B 51 3.63 14.76 20.12
CA VAL B 51 2.54 15.40 19.43
C VAL B 51 2.93 16.81 18.99
N ALA B 52 3.59 17.54 19.89
CA ALA B 52 4.02 18.91 19.60
C ALA B 52 5.05 18.90 18.48
N LEU B 53 6.01 17.98 18.55
CA LEU B 53 7.04 17.87 17.53
C LEU B 53 6.43 17.59 16.16
N ALA B 54 5.46 16.68 16.13
CA ALA B 54 4.79 16.32 14.88
C ALA B 54 3.95 17.46 14.33
N GLN B 55 3.27 18.17 15.22
CA GLN B 55 2.43 19.30 14.82
C GLN B 55 3.27 20.35 14.11
N GLN B 56 4.41 20.70 14.68
CA GLN B 56 5.28 21.70 14.08
C GLN B 56 5.89 21.20 12.78
N ALA B 57 6.36 19.96 12.80
CA ALA B 57 6.98 19.35 11.63
C ALA B 57 6.03 19.22 10.44
N THR B 58 4.73 19.28 10.69
CA THR B 58 3.75 19.17 9.62
C THR B 58 2.87 20.40 9.46
N ALA B 59 3.30 21.51 10.07
CA ALA B 59 2.54 22.76 10.00
C ALA B 59 2.25 23.21 8.56
N HIS B 60 3.18 22.92 7.65
CA HIS B 60 3.03 23.30 6.26
C HIS B 60 2.02 22.44 5.50
N LEU B 61 1.64 21.31 6.09
CA LEU B 61 0.69 20.40 5.47
C LEU B 61 -0.71 20.69 6.01
N GLY B 62 -1.48 21.47 5.26
CA GLY B 62 -2.82 21.83 5.68
C GLY B 62 -3.82 20.70 5.86
N ASN B 63 -3.60 19.58 5.19
CA ASN B 63 -4.52 18.44 5.29
C ASN B 63 -4.14 17.42 6.34
N VAL B 64 -3.10 17.72 7.11
CA VAL B 64 -2.65 16.80 8.15
C VAL B 64 -3.08 17.28 9.52
N GLU B 65 -3.63 16.36 10.30
CA GLU B 65 -4.07 16.66 11.66
C GLU B 65 -3.32 15.71 12.58
N VAL B 66 -2.61 16.25 13.56
CA VAL B 66 -1.85 15.43 14.49
C VAL B 66 -2.62 15.23 15.79
N VAL B 67 -2.79 13.97 16.18
CA VAL B 67 -3.51 13.66 17.40
C VAL B 67 -2.82 12.50 18.12
N GLY B 68 -2.98 12.45 19.44
CA GLY B 68 -2.38 11.37 20.21
C GLY B 68 -3.49 10.47 20.71
N PHE B 69 -3.17 9.20 20.96
CA PHE B 69 -4.17 8.26 21.45
C PHE B 69 -3.56 7.10 22.22
N SER B 70 -4.35 6.51 23.11
CA SER B 70 -3.88 5.37 23.89
C SER B 70 -4.88 4.24 23.70
N ASP B 71 -5.90 4.50 22.89
CA ASP B 71 -6.94 3.51 22.60
C ASP B 71 -6.43 2.42 21.67
N LEU B 72 -7.33 1.48 21.41
CA LEU B 72 -7.05 0.39 20.48
C LEU B 72 -7.05 1.12 19.14
N MET B 73 -6.05 0.84 18.31
CA MET B 73 -5.94 1.49 17.01
C MET B 73 -7.23 1.45 16.19
N ALA B 74 -7.85 0.29 16.08
CA ALA B 74 -9.09 0.14 15.31
C ALA B 74 -10.22 1.01 15.85
N ASN B 75 -10.38 1.06 17.17
CA ASN B 75 -11.45 1.87 17.76
C ASN B 75 -11.19 3.36 17.49
N PHE B 76 -9.95 3.78 17.65
CA PHE B 76 -9.59 5.18 17.41
C PHE B 76 -9.85 5.56 15.95
N ALA B 77 -9.52 4.65 15.04
CA ALA B 77 -9.72 4.89 13.61
C ALA B 77 -11.20 5.03 13.32
N ARG B 78 -12.00 4.13 13.88
CA ARG B 78 -13.45 4.18 13.69
C ARG B 78 -14.01 5.48 14.24
N ASN B 79 -13.55 5.85 15.43
CA ASN B 79 -14.02 7.07 16.09
C ASN B 79 -13.53 8.34 15.41
N GLN B 80 -12.48 8.22 14.60
CA GLN B 80 -11.96 9.38 13.88
C GLN B 80 -12.57 9.43 12.48
N HIS B 81 -13.43 8.46 12.20
CA HIS B 81 -14.13 8.36 10.93
C HIS B 81 -13.18 8.10 9.75
N ALA B 82 -12.09 7.38 10.01
CA ALA B 82 -11.12 7.07 8.97
C ALA B 82 -11.49 5.72 8.36
N THR B 83 -11.23 5.56 7.06
CA THR B 83 -11.52 4.31 6.37
C THR B 83 -10.28 3.78 5.64
N VAL B 84 -9.16 4.48 5.82
CA VAL B 84 -7.89 4.09 5.22
C VAL B 84 -6.82 4.20 6.29
N LEU B 85 -5.98 3.17 6.39
CA LEU B 85 -4.91 3.13 7.36
C LEU B 85 -3.58 3.13 6.59
N ILE B 86 -2.77 4.16 6.81
CA ILE B 86 -1.49 4.32 6.13
C ILE B 86 -0.31 3.76 6.93
N ARG B 87 0.60 3.09 6.23
CA ARG B 87 1.82 2.53 6.83
C ARG B 87 2.89 2.54 5.75
N GLY B 88 4.14 2.81 6.14
CA GLY B 88 5.23 2.84 5.18
C GLY B 88 5.96 1.52 5.10
N LEU B 89 6.48 1.20 3.92
CA LEU B 89 7.23 -0.04 3.70
C LEU B 89 8.62 0.29 3.17
N ARG B 90 9.65 -0.07 3.91
CA ARG B 90 11.02 0.22 3.47
C ARG B 90 11.92 -1.01 3.42
N ALA B 91 11.45 -2.13 3.96
CA ALA B 91 12.22 -3.36 3.96
C ALA B 91 11.37 -4.59 4.25
N VAL B 92 11.92 -5.77 3.97
CA VAL B 92 11.20 -7.03 4.19
C VAL B 92 10.74 -7.18 5.63
N ALA B 93 11.62 -6.89 6.58
CA ALA B 93 11.28 -6.99 8.00
C ALA B 93 10.04 -6.15 8.23
N ASP B 94 10.00 -5.00 7.57
CA ASP B 94 8.87 -4.08 7.67
C ASP B 94 7.80 -4.54 6.67
N PHE B 95 7.42 -5.82 6.77
CA PHE B 95 6.41 -6.37 5.87
C PHE B 95 5.63 -7.48 6.57
N GLU B 96 6.35 -8.41 7.20
CA GLU B 96 5.73 -9.51 7.92
C GLU B 96 5.03 -8.98 9.16
N TYR B 97 5.67 -8.03 9.83
CA TYR B 97 5.11 -7.41 11.03
C TYR B 97 3.90 -6.56 10.63
N GLU B 98 4.01 -5.90 9.49
CA GLU B 98 2.94 -5.05 8.97
C GLU B 98 1.70 -5.86 8.62
N MET B 99 1.88 -7.06 8.08
CA MET B 99 0.76 -7.91 7.70
C MET B 99 -0.02 -8.40 8.93
N GLN B 100 0.68 -8.62 10.03
CA GLN B 100 0.01 -9.08 11.26
C GLN B 100 -0.89 -7.96 11.79
N LEU B 101 -0.35 -6.76 11.89
CA LEU B 101 -1.12 -5.62 12.37
C LEU B 101 -2.28 -5.36 11.42
N ALA B 102 -1.99 -5.37 10.12
CA ALA B 102 -2.99 -5.14 9.09
C ALA B 102 -4.14 -6.14 9.16
N HIS B 103 -3.83 -7.41 9.34
CA HIS B 103 -4.87 -8.41 9.42
C HIS B 103 -5.61 -8.34 10.74
N MET B 104 -4.91 -7.93 11.80
CA MET B 104 -5.56 -7.82 13.10
C MET B 104 -6.51 -6.63 13.04
N ASN B 105 -6.05 -5.53 12.45
CA ASN B 105 -6.90 -4.34 12.34
C ASN B 105 -8.10 -4.61 11.43
N ARG B 106 -7.91 -5.44 10.41
CA ARG B 106 -8.99 -5.77 9.49
C ARG B 106 -10.03 -6.60 10.24
N HIS B 107 -9.57 -7.42 11.18
CA HIS B 107 -10.46 -8.26 11.98
C HIS B 107 -11.31 -7.39 12.90
N LEU B 108 -10.68 -6.38 13.50
CA LEU B 108 -11.37 -5.48 14.42
C LEU B 108 -12.25 -4.45 13.70
N MET B 109 -11.82 -4.04 12.51
CA MET B 109 -12.56 -3.05 11.72
C MET B 109 -12.35 -3.36 10.23
N PRO B 110 -13.16 -4.26 9.66
CA PRO B 110 -13.06 -4.64 8.26
C PRO B 110 -13.13 -3.52 7.22
N GLU B 111 -13.87 -2.46 7.51
CA GLU B 111 -13.99 -1.36 6.56
C GLU B 111 -12.76 -0.45 6.53
N LEU B 112 -11.84 -0.68 7.46
CA LEU B 112 -10.61 0.11 7.52
C LEU B 112 -9.61 -0.57 6.61
N GLU B 113 -9.36 0.04 5.45
CA GLU B 113 -8.43 -0.55 4.48
C GLU B 113 -6.99 -0.09 4.70
N SER B 114 -6.09 -1.05 4.90
CA SER B 114 -4.69 -0.74 5.10
C SER B 114 -3.99 -0.48 3.77
N VAL B 115 -3.35 0.68 3.66
CA VAL B 115 -2.64 1.06 2.46
C VAL B 115 -1.16 1.24 2.81
N PHE B 116 -0.29 0.68 1.98
CA PHE B 116 1.14 0.78 2.21
C PHE B 116 1.79 1.67 1.16
N LEU B 117 2.57 2.63 1.63
CA LEU B 117 3.25 3.55 0.73
C LEU B 117 4.74 3.30 0.88
N MET B 118 5.50 3.67 -0.14
CA MET B 118 6.94 3.46 -0.14
C MET B 118 7.67 4.81 -0.09
N PRO B 119 8.57 4.98 0.90
CA PRO B 119 9.31 6.23 1.02
C PRO B 119 10.37 6.41 -0.07
N SER B 120 10.90 7.62 -0.15
CA SER B 120 11.94 7.93 -1.10
C SER B 120 13.19 7.12 -0.77
N LYS B 121 14.04 6.86 -1.76
CA LYS B 121 15.27 6.10 -1.52
C LYS B 121 16.10 6.75 -0.42
N GLU B 122 16.00 8.07 -0.34
CA GLU B 122 16.74 8.86 0.63
C GLU B 122 16.48 8.45 2.08
N TRP B 123 15.24 8.06 2.37
CA TRP B 123 14.86 7.67 3.73
C TRP B 123 14.55 6.18 3.89
N SER B 124 14.95 5.37 2.91
CA SER B 124 14.67 3.94 2.96
C SER B 124 15.43 3.12 3.98
N PHE B 125 16.47 3.69 4.58
CA PHE B 125 17.26 2.93 5.55
C PHE B 125 17.33 3.54 6.93
N ILE B 126 16.44 4.47 7.24
CA ILE B 126 16.46 5.09 8.55
C ILE B 126 15.23 4.74 9.37
N SER B 127 15.31 4.98 10.67
CA SER B 127 14.22 4.72 11.61
C SER B 127 14.45 5.61 12.81
N SER B 128 13.40 5.84 13.60
CA SER B 128 13.53 6.68 14.78
C SER B 128 14.59 6.06 15.70
N SER B 129 14.56 4.74 15.79
CA SER B 129 15.50 4.00 16.64
C SER B 129 16.96 4.28 16.28
N LEU B 130 17.29 4.13 15.00
CA LEU B 130 18.65 4.36 14.53
C LEU B 130 19.10 5.80 14.76
N VAL B 131 18.21 6.75 14.46
CA VAL B 131 18.53 8.16 14.65
C VAL B 131 18.84 8.45 16.11
N LYS B 132 18.07 7.88 17.03
CA LYS B 132 18.29 8.08 18.45
C LYS B 132 19.62 7.47 18.87
N GLU B 133 19.91 6.26 18.42
CA GLU B 133 21.17 5.61 18.77
C GLU B 133 22.35 6.46 18.32
N VAL B 134 22.28 6.98 17.09
CA VAL B 134 23.36 7.82 16.57
C VAL B 134 23.48 9.09 17.43
N ALA B 135 22.35 9.72 17.72
CA ALA B 135 22.33 10.94 18.52
C ALA B 135 22.87 10.70 19.94
N ARG B 136 22.60 9.52 20.50
CA ARG B 136 23.10 9.21 21.84
C ARG B 136 24.62 9.17 21.84
N HIS B 137 25.20 9.03 20.65
CA HIS B 137 26.66 8.98 20.52
C HIS B 137 27.20 10.25 19.87
N GLN B 138 26.39 11.31 19.95
CA GLN B 138 26.75 12.62 19.42
C GLN B 138 27.01 12.70 17.91
N GLY B 139 26.39 11.79 17.16
CA GLY B 139 26.55 11.78 15.72
C GLY B 139 25.60 12.79 15.08
N ASP B 140 26.00 13.32 13.92
CA ASP B 140 25.18 14.32 13.21
C ASP B 140 23.99 13.67 12.51
N VAL B 141 22.78 13.99 12.99
CA VAL B 141 21.55 13.45 12.40
C VAL B 141 20.66 14.56 11.85
N THR B 142 21.21 15.74 11.68
CA THR B 142 20.44 16.87 11.17
C THR B 142 19.78 16.54 9.84
N HIS B 143 20.46 15.73 9.04
CA HIS B 143 19.96 15.35 7.73
C HIS B 143 18.68 14.52 7.72
N PHE B 144 18.42 13.79 8.81
CA PHE B 144 17.24 12.93 8.84
C PHE B 144 16.05 13.43 9.63
N LEU B 145 16.17 14.60 10.24
CA LEU B 145 15.07 15.10 11.06
C LEU B 145 14.62 16.51 10.76
N PRO B 146 13.34 16.80 11.01
CA PRO B 146 12.84 18.15 10.76
C PRO B 146 13.61 19.04 11.73
N GLU B 147 13.81 20.30 11.35
CA GLU B 147 14.56 21.22 12.20
C GLU B 147 14.13 21.23 13.68
N ASN B 148 12.85 21.46 13.93
CA ASN B 148 12.36 21.50 15.30
C ASN B 148 12.62 20.19 16.05
N VAL B 149 12.59 19.07 15.33
CA VAL B 149 12.82 17.77 15.94
C VAL B 149 14.27 17.57 16.31
N HIS B 150 15.18 18.05 15.46
CA HIS B 150 16.61 17.92 15.75
C HIS B 150 16.94 18.71 17.01
N GLN B 151 16.45 19.94 17.09
CA GLN B 151 16.69 20.79 18.25
C GLN B 151 16.20 20.06 19.49
N ALA B 152 14.97 19.57 19.43
CA ALA B 152 14.37 18.85 20.54
C ALA B 152 15.19 17.63 20.93
N LEU B 153 15.68 16.89 19.94
CA LEU B 153 16.48 15.71 20.21
C LEU B 153 17.82 16.10 20.83
N MET B 154 18.40 17.20 20.35
CA MET B 154 19.66 17.70 20.89
C MET B 154 19.46 18.06 22.37
N ALA B 155 18.42 18.85 22.62
CA ALA B 155 18.09 19.28 23.97
C ALA B 155 17.78 18.10 24.89
N LYS B 156 17.02 17.14 24.36
CA LYS B 156 16.64 15.96 25.13
C LYS B 156 17.87 15.18 25.62
N LEU B 157 18.87 15.06 24.76
CA LEU B 157 20.10 14.35 25.08
C LEU B 157 21.13 15.31 25.65
N ALA B 158 22.24 14.77 26.13
CA ALA B 158 23.33 15.56 26.71
C ALA B 158 22.80 16.81 27.43
S SO4 C . -9.27 -11.19 5.83
O1 SO4 C . -9.76 -10.57 7.08
O2 SO4 C . -7.91 -10.69 5.52
O3 SO4 C . -9.21 -12.65 5.99
O4 SO4 C . -10.20 -10.85 4.74
S SO4 D . -0.59 -12.75 -9.27
O1 SO4 D . -0.97 -11.45 -8.69
O2 SO4 D . -0.13 -12.53 -10.67
O3 SO4 D . -1.74 -13.65 -9.28
O4 SO4 D . 0.50 -13.34 -8.48
S SO4 E . 12.69 8.16 -4.91
O1 SO4 E . 11.97 9.34 -4.40
O2 SO4 E . 12.58 8.13 -6.38
O3 SO4 E . 14.11 8.24 -4.52
O4 SO4 E . 12.11 6.93 -4.34
S SO4 F . 10.15 4.11 12.47
O1 SO4 F . 10.19 3.74 13.90
O2 SO4 F . 10.96 5.32 12.24
O3 SO4 F . 10.71 3.00 11.66
O4 SO4 F . 8.76 4.36 12.08
S SO4 G . 1.30 -0.68 24.62
O1 SO4 G . 0.81 -1.14 25.94
O2 SO4 G . 2.65 -0.12 24.76
O3 SO4 G . 1.32 -1.82 23.69
O4 SO4 G . 0.39 0.37 24.10
O23 PNS H . 5.55 3.00 14.56
P24 PNS H . 5.23 1.59 15.18
O25 PNS H . 5.92 0.47 14.38
O26 PNS H . 5.63 1.57 16.69
O27 PNS H . 3.61 1.54 14.98
C28 PNS H . 2.82 0.53 15.63
C29 PNS H . 1.45 1.12 16.12
C30 PNS H . 1.74 2.30 17.09
C31 PNS H . 0.66 1.65 14.85
C32 PNS H . 0.69 -0.09 16.82
O33 PNS H . 1.50 -0.66 17.88
C34 PNS H . -0.73 0.27 17.40
O35 PNS H . -1.75 0.22 16.61
N36 PNS H . -0.82 0.62 18.73
C37 PNS H . -2.08 0.97 19.42
C38 PNS H . -2.54 -0.24 20.28
C39 PNS H . -3.18 -1.30 19.38
O40 PNS H . -4.36 -1.21 19.00
N41 PNS H . -2.41 -2.31 19.04
C42 PNS H . -2.84 -3.47 18.14
C43 PNS H . -2.42 -3.12 16.79
S44 PNS H . -2.94 -4.43 15.77
#